data_6QHJ
#
_entry.id   6QHJ
#
_cell.length_a   61.794
_cell.length_b   79.631
_cell.length_c   111.719
_cell.angle_alpha   90.000
_cell.angle_beta   90.000
_cell.angle_gamma   90.000
#
_symmetry.space_group_name_H-M   'I 2 2 2'
#
loop_
_entity.id
_entity.type
_entity.pdbx_description
1 polymer Noelin
2 non-polymer 2-acetamido-2-deoxy-beta-D-glucopyranose
3 non-polymer 'CALCIUM ION'
4 non-polymer 'SODIUM ION'
5 non-polymer GLYCEROL
6 water water
#
_entity_poly.entity_id   1
_entity_poly.type   'polypeptide(L)'
_entity_poly.pdbx_seq_one_letter_code
;GSACGKLTGISDPVTVKTSGSRFGSWMTDPLAPEGDNRVWYMDGYHNNRFVREYKSMVDFMNTDNFTSHRLPHPWSGTGQ
VVYNGSIYFNKFQSHIIIRFDLKTETILKTRSLDYAGYNNMYHYAWGGHSDIDLMVDENGLWAVYATNQNAGNIVISKLD
PVSLQILQTWNTSYPKRSAGEAFIICGTLYVTNGYSGGTKVHYAYQTNASTYEYIDIPFQNKYSHISMLDYNPKDRALYA
WNNGHQTLYNVTLFHAAAHHHHHH
;
_entity_poly.pdbx_strand_id   A
#
loop_
_chem_comp.id
_chem_comp.type
_chem_comp.name
_chem_comp.formula
CA non-polymer 'CALCIUM ION' 'Ca 2'
GOL non-polymer GLYCEROL 'C3 H8 O3'
NA non-polymer 'SODIUM ION' 'Na 1'
NAG D-saccharide, beta linking 2-acetamido-2-deoxy-beta-D-glucopyranose 'C8 H15 N O6'
#
# COMPACT_ATOMS: atom_id res chain seq x y z
N ALA A 3 -20.19 -9.67 -1.22
CA ALA A 3 -20.38 -8.54 -0.33
C ALA A 3 -19.58 -7.33 -0.81
N CYS A 4 -19.29 -7.29 -2.11
CA CYS A 4 -18.53 -6.17 -2.68
C CYS A 4 -19.48 -5.05 -3.04
N GLY A 5 -19.05 -3.83 -2.80
CA GLY A 5 -19.86 -2.69 -3.16
C GLY A 5 -19.03 -1.43 -3.10
N LYS A 6 -19.71 -0.32 -3.31
CA LYS A 6 -19.09 1.00 -3.35
C LYS A 6 -18.73 1.47 -1.94
N LEU A 7 -17.59 2.14 -1.82
CA LEU A 7 -17.23 2.75 -0.55
C LEU A 7 -18.19 3.89 -0.22
N THR A 8 -18.79 3.85 0.97
CA THR A 8 -19.64 4.97 1.39
C THR A 8 -19.17 5.67 2.66
N GLY A 9 -18.30 5.05 3.45
CA GLY A 9 -17.87 5.67 4.68
C GLY A 9 -16.58 5.05 5.17
N ILE A 10 -15.84 5.84 5.94
CA ILE A 10 -14.63 5.39 6.61
C ILE A 10 -14.75 5.75 8.08
N SER A 11 -14.56 4.77 8.94
CA SER A 11 -14.77 4.99 10.37
C SER A 11 -13.57 5.67 11.00
N ASP A 12 -13.74 6.14 12.23
CA ASP A 12 -12.62 6.82 12.87
C ASP A 12 -11.49 5.84 13.16
N PRO A 13 -10.24 6.24 12.96
CA PRO A 13 -9.14 5.29 13.06
C PRO A 13 -8.77 4.95 14.49
N VAL A 14 -8.36 3.71 14.67
CA VAL A 14 -7.82 3.21 15.91
C VAL A 14 -6.30 3.26 15.85
N THR A 15 -5.66 3.67 16.93
CA THR A 15 -4.20 3.68 16.99
C THR A 15 -3.75 2.30 17.48
N VAL A 16 -3.13 1.54 16.59
CA VAL A 16 -2.65 0.20 16.92
C VAL A 16 -1.32 0.26 17.63
N LYS A 17 -0.43 1.17 17.20
CA LYS A 17 0.90 1.27 17.78
C LYS A 17 1.41 2.67 17.53
N THR A 18 2.29 3.12 18.43
CA THR A 18 3.08 4.34 18.23
C THR A 18 4.53 3.89 18.15
N SER A 19 5.14 3.98 16.96
CA SER A 19 6.47 3.46 16.79
C SER A 19 7.01 3.97 15.47
N GLY A 20 8.34 3.97 15.37
CA GLY A 20 8.96 4.22 14.09
C GLY A 20 9.13 5.68 13.75
N SER A 21 9.70 5.89 12.59
CA SER A 21 9.94 7.22 12.03
C SER A 21 8.65 7.78 11.45
N ARG A 22 8.74 9.00 10.91
N ARG A 22 8.71 8.98 10.91
CA ARG A 22 7.57 9.67 10.36
CA ARG A 22 7.47 9.55 10.44
C ARG A 22 6.93 8.87 9.22
C ARG A 22 6.93 8.90 9.19
N PHE A 23 7.71 8.10 8.49
CA PHE A 23 7.30 7.46 7.24
C PHE A 23 7.54 5.97 7.31
N GLY A 24 6.59 5.19 6.81
CA GLY A 24 6.77 3.74 6.79
C GLY A 24 5.50 3.06 6.32
N SER A 25 5.51 1.73 6.44
CA SER A 25 4.33 0.92 6.11
C SER A 25 4.18 -0.22 7.11
N TRP A 26 2.97 -0.70 7.25
CA TRP A 26 2.70 -1.89 8.04
C TRP A 26 1.50 -2.59 7.42
N MET A 27 1.41 -3.90 7.64
CA MET A 27 0.41 -4.68 6.95
C MET A 27 0.34 -6.09 7.51
N THR A 28 -0.77 -6.74 7.21
CA THR A 28 -0.93 -8.17 7.45
C THR A 28 -1.21 -8.85 6.11
N ASP A 29 -1.05 -10.16 6.05
CA ASP A 29 -1.26 -10.92 4.82
C ASP A 29 -2.75 -11.27 4.71
N PRO A 30 -3.45 -10.81 3.68
CA PRO A 30 -4.88 -11.14 3.57
C PRO A 30 -5.17 -12.59 3.32
N LEU A 31 -4.18 -13.39 2.93
CA LEU A 31 -4.37 -14.82 2.74
C LEU A 31 -3.84 -15.63 3.88
N ALA A 32 -3.39 -15.01 4.96
CA ALA A 32 -2.98 -15.77 6.11
C ALA A 32 -4.19 -16.49 6.69
N PRO A 33 -4.03 -17.72 7.15
CA PRO A 33 -5.17 -18.49 7.64
C PRO A 33 -5.74 -17.98 8.94
N GLU A 34 -6.84 -18.62 9.34
N GLU A 34 -6.84 -18.62 9.34
CA GLU A 34 -7.53 -18.27 10.57
CA GLU A 34 -7.53 -18.24 10.55
C GLU A 34 -6.53 -18.35 11.72
C GLU A 34 -6.55 -18.35 11.71
N GLY A 35 -6.50 -17.29 12.51
CA GLY A 35 -5.65 -17.24 13.68
C GLY A 35 -4.25 -16.75 13.43
N ASP A 36 -3.89 -16.45 12.16
CA ASP A 36 -2.57 -15.94 11.82
C ASP A 36 -2.74 -14.47 11.48
N ASN A 37 -2.27 -13.61 12.37
CA ASN A 37 -2.28 -12.18 12.09
C ASN A 37 -0.92 -11.58 12.36
N ARG A 38 0.12 -12.28 11.89
CA ARG A 38 1.46 -11.69 11.86
C ARG A 38 1.42 -10.32 11.24
N VAL A 39 2.23 -9.42 11.78
CA VAL A 39 2.33 -8.06 11.28
C VAL A 39 3.72 -7.85 10.67
N TRP A 40 3.75 -7.33 9.46
CA TRP A 40 4.96 -6.98 8.73
C TRP A 40 5.11 -5.47 8.70
N TYR A 41 6.29 -5.00 9.03
CA TYR A 41 6.51 -3.59 9.34
C TYR A 41 7.81 -3.11 8.71
N MET A 42 7.72 -1.99 7.98
CA MET A 42 8.83 -1.42 7.21
C MET A 42 8.99 0.05 7.55
N ASP A 43 10.03 0.39 8.30
CA ASP A 43 10.26 1.77 8.73
C ASP A 43 11.07 2.51 7.65
N GLY A 44 10.53 3.63 7.17
CA GLY A 44 11.24 4.45 6.23
C GLY A 44 10.92 4.13 4.79
N TYR A 45 11.36 5.03 3.90
CA TYR A 45 11.08 4.92 2.48
C TYR A 45 12.32 4.74 1.62
N HIS A 46 13.51 4.69 2.22
CA HIS A 46 14.72 4.48 1.46
C HIS A 46 15.82 3.97 2.39
N ASN A 47 16.83 3.35 1.78
CA ASN A 47 18.04 2.92 2.49
C ASN A 47 17.74 2.01 3.67
N ASN A 48 16.71 1.17 3.55
CA ASN A 48 16.41 0.17 4.57
C ASN A 48 16.03 -1.12 3.86
N ARG A 49 16.68 -2.23 4.22
CA ARG A 49 16.34 -3.53 3.67
C ARG A 49 15.74 -4.47 4.70
N PHE A 50 15.45 -4.01 5.91
CA PHE A 50 14.97 -4.90 6.97
C PHE A 50 13.48 -4.75 7.22
N VAL A 51 12.78 -5.87 7.17
CA VAL A 51 11.36 -5.98 7.46
C VAL A 51 11.22 -6.60 8.83
N ARG A 52 10.45 -5.95 9.70
N ARG A 52 10.41 -5.98 9.69
CA ARG A 52 10.12 -6.57 10.97
CA ARG A 52 10.10 -6.53 11.00
C ARG A 52 8.92 -7.48 10.82
C ARG A 52 8.86 -7.42 10.92
N GLU A 53 8.95 -8.62 11.49
CA GLU A 53 7.83 -9.53 11.63
C GLU A 53 7.47 -9.66 13.10
N TYR A 54 6.27 -9.21 13.46
CA TYR A 54 5.72 -9.45 14.79
C TYR A 54 4.77 -10.65 14.70
N LYS A 55 4.80 -11.49 15.73
CA LYS A 55 4.15 -12.79 15.64
C LYS A 55 2.64 -12.68 15.53
N SER A 56 2.06 -11.60 16.00
CA SER A 56 0.62 -11.46 16.02
C SER A 56 0.30 -9.99 16.22
N MET A 57 -0.96 -9.67 15.97
N MET A 57 -0.96 -9.65 15.98
CA MET A 57 -1.47 -8.33 16.24
CA MET A 57 -1.40 -8.27 16.22
C MET A 57 -1.26 -7.95 17.70
C MET A 57 -1.32 -7.92 17.71
N VAL A 58 -1.55 -8.88 18.62
CA VAL A 58 -1.38 -8.58 20.04
CA VAL A 58 -1.38 -8.60 20.03
C VAL A 58 0.09 -8.32 20.37
N ASP A 59 1.00 -9.10 19.82
CA ASP A 59 2.44 -8.87 20.06
C ASP A 59 2.87 -7.53 19.47
N PHE A 60 2.34 -7.16 18.30
CA PHE A 60 2.64 -5.87 17.70
C PHE A 60 2.21 -4.74 18.61
N MET A 61 1.02 -4.84 19.21
CA MET A 61 0.50 -3.76 20.04
C MET A 61 1.17 -3.68 21.39
N ASN A 62 1.65 -4.79 21.92
CA ASN A 62 2.01 -4.90 23.33
C ASN A 62 3.49 -5.23 23.58
N THR A 63 4.31 -5.36 22.53
CA THR A 63 5.69 -5.72 22.75
C THR A 63 6.55 -5.01 21.72
N ASP A 64 7.83 -5.00 21.99
N ASP A 64 7.84 -5.06 21.99
CA ASP A 64 8.79 -4.63 20.97
CA ASP A 64 8.90 -4.64 21.07
C ASP A 64 9.65 -5.85 20.63
C ASP A 64 9.57 -5.82 20.39
N ASN A 65 9.01 -7.02 20.53
CA ASN A 65 9.66 -8.26 20.12
C ASN A 65 9.29 -8.60 18.68
N PHE A 66 10.30 -8.71 17.84
CA PHE A 66 10.06 -9.03 16.44
C PHE A 66 11.27 -9.75 15.88
N THR A 67 11.05 -10.41 14.76
CA THR A 67 12.09 -11.01 13.96
C THR A 67 12.42 -10.06 12.82
N SER A 68 13.70 -9.91 12.56
N SER A 68 13.71 -9.92 12.50
CA SER A 68 14.18 -9.09 11.46
CA SER A 68 14.15 -9.02 11.45
C SER A 68 14.38 -9.97 10.25
C SER A 68 14.57 -9.80 10.22
N HIS A 69 13.90 -9.51 9.10
CA HIS A 69 14.13 -10.18 7.82
C HIS A 69 14.93 -9.27 6.91
N ARG A 70 16.07 -9.76 6.45
CA ARG A 70 16.92 -9.02 5.53
C ARG A 70 16.48 -9.28 4.10
N LEU A 71 16.03 -8.24 3.42
CA LEU A 71 15.71 -8.37 2.02
C LEU A 71 16.97 -8.32 1.17
N PRO A 72 16.91 -8.85 -0.06
CA PRO A 72 18.09 -8.85 -0.92
C PRO A 72 18.48 -7.47 -1.40
N HIS A 73 17.53 -6.54 -1.42
CA HIS A 73 17.74 -5.17 -1.84
C HIS A 73 16.85 -4.30 -0.98
N PRO A 74 17.25 -3.06 -0.67
CA PRO A 74 16.33 -2.11 -0.07
C PRO A 74 15.18 -1.81 -1.00
N TRP A 75 14.05 -1.44 -0.40
CA TRP A 75 12.89 -0.97 -1.14
C TRP A 75 12.97 0.53 -1.37
N SER A 76 12.08 0.98 -2.23
CA SER A 76 11.74 2.40 -2.36
C SER A 76 10.28 2.62 -1.99
N GLY A 77 10.01 3.68 -1.23
CA GLY A 77 8.66 4.06 -0.93
C GLY A 77 8.09 3.33 0.28
N THR A 78 6.75 3.34 0.34
CA THR A 78 5.98 2.67 1.37
C THR A 78 4.91 1.78 0.75
N GLY A 79 5.05 1.45 -0.53
CA GLY A 79 3.99 0.82 -1.29
C GLY A 79 4.07 -0.70 -1.33
N GLN A 80 4.72 -1.33 -0.38
CA GLN A 80 4.84 -2.77 -0.38
C GLN A 80 3.49 -3.42 -0.06
N VAL A 81 3.40 -4.72 -0.35
CA VAL A 81 2.26 -5.51 0.06
C VAL A 81 2.72 -6.93 0.35
N VAL A 82 2.09 -7.57 1.34
CA VAL A 82 2.32 -8.99 1.65
C VAL A 82 1.13 -9.80 1.20
N TYR A 83 1.40 -10.86 0.44
CA TYR A 83 0.31 -11.65 -0.14
C TYR A 83 0.76 -13.10 -0.25
N ASN A 84 0.03 -13.98 0.43
CA ASN A 84 0.26 -15.41 0.36
C ASN A 84 1.71 -15.78 0.66
N GLY A 85 2.26 -15.13 1.69
CA GLY A 85 3.56 -15.47 2.17
C GLY A 85 4.73 -14.77 1.51
N SER A 86 4.49 -13.95 0.50
CA SER A 86 5.55 -13.17 -0.11
C SER A 86 5.33 -11.68 0.15
N ILE A 87 6.45 -10.97 0.28
CA ILE A 87 6.41 -9.51 0.17
C ILE A 87 6.70 -9.13 -1.26
N TYR A 88 5.87 -8.21 -1.77
CA TYR A 88 6.06 -7.63 -3.09
C TYR A 88 6.48 -6.19 -2.85
N PHE A 89 7.60 -5.77 -3.42
CA PHE A 89 8.11 -4.43 -3.17
C PHE A 89 8.83 -3.89 -4.40
N ASN A 90 8.99 -2.57 -4.41
CA ASN A 90 9.73 -1.87 -5.46
C ASN A 90 11.20 -1.80 -5.05
N LYS A 91 12.05 -2.46 -5.83
CA LYS A 91 13.49 -2.39 -5.64
C LYS A 91 13.96 -0.96 -5.74
N PHE A 92 14.86 -0.56 -4.84
CA PHE A 92 15.37 0.79 -4.81
C PHE A 92 15.82 1.25 -6.19
N GLN A 93 15.49 2.52 -6.44
CA GLN A 93 15.91 3.27 -7.62
C GLN A 93 15.74 2.48 -8.92
N SER A 94 14.54 1.99 -9.07
CA SER A 94 14.20 1.21 -10.24
C SER A 94 12.70 1.15 -10.33
N HIS A 95 12.22 0.65 -11.47
CA HIS A 95 10.82 0.22 -11.54
C HIS A 95 10.68 -1.28 -11.52
N ILE A 96 11.57 -1.93 -10.84
CA ILE A 96 11.53 -3.39 -10.67
C ILE A 96 10.69 -3.77 -9.46
N ILE A 97 9.81 -4.76 -9.63
N ILE A 97 9.89 -4.82 -9.63
CA ILE A 97 9.08 -5.38 -8.54
CA ILE A 97 9.08 -5.41 -8.58
C ILE A 97 9.77 -6.69 -8.21
C ILE A 97 9.71 -6.73 -8.21
N ILE A 98 9.88 -6.96 -6.91
CA ILE A 98 10.47 -8.20 -6.38
C ILE A 98 9.40 -8.94 -5.58
N ARG A 99 9.26 -10.24 -5.84
CA ARG A 99 8.47 -11.14 -5.03
C ARG A 99 9.45 -11.94 -4.17
N PHE A 100 9.40 -11.75 -2.86
CA PHE A 100 10.31 -12.41 -1.93
C PHE A 100 9.50 -13.25 -0.95
N ASP A 101 9.80 -14.55 -0.87
N ASP A 101 9.74 -14.55 -0.97
CA ASP A 101 9.06 -15.48 -0.03
CA ASP A 101 9.09 -15.47 -0.04
C ASP A 101 9.66 -15.44 1.37
C ASP A 101 9.70 -15.29 1.33
N LEU A 102 8.88 -14.90 2.30
CA LEU A 102 9.40 -14.51 3.59
C LEU A 102 9.92 -15.69 4.40
N LYS A 103 9.17 -16.77 4.46
N LYS A 103 9.18 -16.79 4.44
CA LYS A 103 9.54 -17.87 5.36
CA LYS A 103 9.51 -17.90 5.32
C LYS A 103 10.57 -18.82 4.77
C LYS A 103 10.57 -18.82 4.77
N THR A 104 11.02 -18.60 3.53
CA THR A 104 12.14 -19.35 2.98
C THR A 104 13.29 -18.43 2.57
N GLU A 105 13.13 -17.11 2.74
CA GLU A 105 14.16 -16.11 2.39
C GLU A 105 14.61 -16.26 0.94
N THR A 106 13.64 -16.39 0.03
CA THR A 106 13.95 -16.70 -1.37
C THR A 106 13.33 -15.65 -2.29
N ILE A 107 14.14 -15.11 -3.20
CA ILE A 107 13.56 -14.32 -4.29
C ILE A 107 12.89 -15.28 -5.25
N LEU A 108 11.60 -15.14 -5.45
CA LEU A 108 10.88 -16.01 -6.37
C LEU A 108 10.72 -15.38 -7.73
N LYS A 109 10.67 -14.05 -7.82
N LYS A 109 10.73 -14.05 -7.82
CA LYS A 109 10.51 -13.42 -9.13
CA LYS A 109 10.60 -13.41 -9.11
C LYS A 109 10.90 -11.95 -9.02
C LYS A 109 11.10 -11.98 -8.98
N THR A 110 11.50 -11.44 -10.10
N THR A 110 11.66 -11.49 -10.09
CA THR A 110 11.85 -10.02 -10.22
CA THR A 110 11.85 -10.04 -10.26
C THR A 110 11.53 -9.60 -11.65
C THR A 110 11.35 -9.69 -11.66
N ARG A 111 10.75 -8.51 -11.79
CA ARG A 111 10.32 -8.09 -13.11
C ARG A 111 10.12 -6.58 -13.10
N SER A 112 10.55 -5.95 -14.17
CA SER A 112 10.25 -4.54 -14.37
C SER A 112 8.77 -4.33 -14.61
N LEU A 113 8.24 -3.24 -14.06
CA LEU A 113 6.88 -2.80 -14.29
C LEU A 113 6.93 -1.85 -15.49
N ASP A 114 6.47 -2.34 -16.64
CA ASP A 114 6.67 -1.67 -17.92
C ASP A 114 6.29 -0.19 -17.83
N TYR A 115 7.21 0.66 -18.24
CA TYR A 115 7.02 2.09 -18.42
C TYR A 115 6.79 2.87 -17.12
N ALA A 116 6.80 2.23 -15.96
CA ALA A 116 6.52 2.95 -14.73
C ALA A 116 7.61 3.95 -14.41
N GLY A 117 7.20 5.14 -13.96
CA GLY A 117 8.15 6.06 -13.41
C GLY A 117 8.63 5.62 -12.04
N TYR A 118 9.81 6.12 -11.65
CA TYR A 118 10.41 5.76 -10.37
C TYR A 118 11.33 6.89 -9.93
N ASN A 119 11.81 6.79 -8.71
CA ASN A 119 12.83 7.77 -8.25
C ASN A 119 12.19 9.16 -8.02
N ASN A 120 10.97 9.23 -7.45
CA ASN A 120 10.28 10.49 -7.18
C ASN A 120 9.98 11.23 -8.49
N MET A 121 9.53 10.48 -9.48
N MET A 121 9.57 10.47 -9.50
CA MET A 121 8.99 11.03 -10.71
CA MET A 121 8.99 11.00 -10.71
C MET A 121 7.48 11.15 -10.62
C MET A 121 7.49 11.17 -10.55
N TYR A 122 6.81 10.08 -10.22
CA TYR A 122 5.36 10.03 -10.07
C TYR A 122 4.98 9.54 -8.69
N HIS A 123 5.71 10.00 -7.71
CA HIS A 123 5.34 9.82 -6.32
C HIS A 123 3.93 10.32 -6.08
N TYR A 124 3.27 9.74 -5.07
CA TYR A 124 2.15 10.43 -4.47
C TYR A 124 2.61 11.77 -3.92
N ALA A 125 1.64 12.61 -3.55
CA ALA A 125 1.95 13.99 -3.17
C ALA A 125 2.88 14.08 -1.98
N TRP A 126 2.88 13.07 -1.10
CA TRP A 126 3.75 13.12 0.07
C TRP A 126 5.23 12.94 -0.28
N GLY A 127 5.53 12.44 -1.47
CA GLY A 127 6.90 12.23 -1.89
C GLY A 127 7.43 10.86 -1.48
N GLY A 128 8.64 10.81 -0.97
CA GLY A 128 9.16 9.58 -0.39
C GLY A 128 9.34 8.43 -1.35
N HIS A 129 9.67 8.72 -2.60
N HIS A 129 9.62 8.73 -2.62
CA HIS A 129 9.90 7.64 -3.58
CA HIS A 129 9.88 7.66 -3.61
C HIS A 129 8.71 6.69 -3.64
C HIS A 129 8.70 6.72 -3.76
N SER A 130 7.49 7.26 -3.54
CA SER A 130 6.26 6.48 -3.56
C SER A 130 5.64 6.24 -4.92
N ASP A 131 6.50 6.21 -5.93
CA ASP A 131 6.09 6.09 -7.33
C ASP A 131 5.23 4.88 -7.63
N ILE A 132 5.48 3.74 -6.98
CA ILE A 132 4.83 2.47 -7.31
C ILE A 132 4.21 1.88 -6.05
N ASP A 133 2.90 1.72 -6.06
CA ASP A 133 2.15 1.21 -4.91
C ASP A 133 1.52 -0.13 -5.31
N LEU A 134 1.91 -1.18 -4.62
CA LEU A 134 1.39 -2.52 -4.83
C LEU A 134 0.35 -2.84 -3.78
N MET A 135 -0.73 -3.53 -4.17
CA MET A 135 -1.81 -3.71 -3.20
C MET A 135 -2.64 -4.91 -3.60
N VAL A 136 -3.43 -5.41 -2.65
CA VAL A 136 -4.27 -6.58 -2.85
C VAL A 136 -5.71 -6.24 -2.48
N ASP A 137 -6.65 -6.69 -3.30
CA ASP A 137 -8.06 -6.58 -2.96
C ASP A 137 -8.68 -7.96 -3.10
N GLU A 138 -10.01 -8.00 -3.13
CA GLU A 138 -10.73 -9.25 -3.29
C GLU A 138 -10.35 -10.04 -4.53
N ASN A 139 -9.81 -9.38 -5.54
CA ASN A 139 -9.54 -9.95 -6.85
C ASN A 139 -8.09 -10.35 -7.05
N GLY A 140 -7.18 -9.93 -6.17
CA GLY A 140 -5.79 -10.26 -6.32
C GLY A 140 -4.88 -9.06 -6.22
N LEU A 141 -3.78 -9.10 -6.96
CA LEU A 141 -2.66 -8.17 -6.85
C LEU A 141 -2.73 -7.11 -7.94
N TRP A 142 -2.42 -5.88 -7.53
CA TRP A 142 -2.46 -4.70 -8.39
C TRP A 142 -1.23 -3.82 -8.19
N ALA A 143 -0.89 -3.08 -9.25
CA ALA A 143 0.08 -1.99 -9.16
C ALA A 143 -0.59 -0.68 -9.56
N VAL A 144 -0.28 0.36 -8.78
CA VAL A 144 -0.76 1.72 -9.01
C VAL A 144 0.47 2.59 -9.18
N TYR A 145 0.60 3.24 -10.34
CA TYR A 145 1.84 3.87 -10.76
C TYR A 145 1.47 4.95 -11.76
N ALA A 146 2.47 5.48 -12.48
CA ALA A 146 2.16 6.34 -13.61
C ALA A 146 3.25 6.16 -14.65
N THR A 147 2.96 6.64 -15.86
CA THR A 147 3.87 6.53 -17.00
C THR A 147 3.93 7.88 -17.72
N ASN A 148 5.01 8.08 -18.47
N ASN A 148 5.05 8.07 -18.42
CA ASN A 148 5.12 9.29 -19.26
CA ASN A 148 5.20 9.24 -19.29
C ASN A 148 4.13 9.30 -20.41
C ASN A 148 4.08 9.27 -20.34
N GLN A 149 3.79 8.12 -20.96
CA GLN A 149 2.82 8.07 -22.03
C GLN A 149 1.41 8.40 -21.55
N ASN A 150 1.12 8.15 -20.28
CA ASN A 150 -0.14 8.60 -19.66
C ASN A 150 -0.01 9.94 -18.98
N ALA A 151 1.00 10.74 -19.36
CA ALA A 151 1.17 12.13 -18.89
C ALA A 151 1.27 12.24 -17.38
N GLY A 152 1.79 11.23 -16.71
CA GLY A 152 1.91 11.23 -15.26
C GLY A 152 0.62 10.98 -14.55
N ASN A 153 -0.43 10.64 -15.27
CA ASN A 153 -1.68 10.27 -14.63
C ASN A 153 -1.63 8.81 -14.18
N ILE A 154 -2.35 8.52 -13.10
CA ILE A 154 -2.32 7.18 -12.52
C ILE A 154 -2.67 6.15 -13.58
N VAL A 155 -1.88 5.08 -13.57
CA VAL A 155 -2.10 3.87 -14.34
C VAL A 155 -2.30 2.75 -13.32
N ILE A 156 -3.27 1.86 -13.59
CA ILE A 156 -3.58 0.71 -12.75
C ILE A 156 -3.28 -0.52 -13.59
N SER A 157 -2.52 -1.45 -13.03
CA SER A 157 -2.41 -2.76 -13.68
C SER A 157 -2.74 -3.89 -12.70
N LYS A 158 -3.47 -4.87 -13.20
CA LYS A 158 -3.63 -6.13 -12.50
C LYS A 158 -2.42 -6.99 -12.81
N LEU A 159 -1.82 -7.57 -11.79
CA LEU A 159 -0.60 -8.35 -11.95
C LEU A 159 -0.82 -9.82 -11.63
N ASP A 160 -0.08 -10.68 -12.34
CA ASP A 160 -0.01 -12.09 -11.98
C ASP A 160 0.90 -12.22 -10.76
N PRO A 161 0.44 -12.81 -9.66
CA PRO A 161 1.27 -12.82 -8.44
C PRO A 161 2.47 -13.74 -8.51
N VAL A 162 2.54 -14.60 -9.52
CA VAL A 162 3.67 -15.52 -9.68
C VAL A 162 4.64 -14.99 -10.72
N SER A 163 4.15 -14.65 -11.91
CA SER A 163 5.05 -14.21 -12.97
C SER A 163 5.36 -12.72 -12.94
N LEU A 164 4.56 -11.93 -12.20
CA LEU A 164 4.62 -10.47 -12.16
C LEU A 164 4.28 -9.82 -13.50
N GLN A 165 3.75 -10.58 -14.45
N GLN A 165 3.75 -10.58 -14.44
CA GLN A 165 3.33 -9.99 -15.70
CA GLN A 165 3.28 -10.01 -15.69
C GLN A 165 2.04 -9.19 -15.54
C GLN A 165 2.08 -9.11 -15.45
N ILE A 166 1.95 -8.11 -16.32
CA ILE A 166 0.74 -7.30 -16.36
C ILE A 166 -0.34 -8.07 -17.11
N LEU A 167 -1.50 -8.23 -16.45
CA LEU A 167 -2.62 -8.93 -17.06
C LEU A 167 -3.60 -7.99 -17.75
N GLN A 168 -3.78 -6.79 -17.22
CA GLN A 168 -4.63 -5.77 -17.80
C GLN A 168 -4.20 -4.43 -17.19
N THR A 169 -4.36 -3.36 -17.98
CA THR A 169 -3.99 -2.02 -17.59
C THR A 169 -5.14 -1.06 -17.86
N TRP A 170 -5.30 -0.07 -16.98
CA TRP A 170 -6.24 1.02 -17.16
C TRP A 170 -5.49 2.34 -17.01
N ASN A 171 -5.72 3.26 -17.91
CA ASN A 171 -5.14 4.60 -17.84
C ASN A 171 -6.20 5.54 -17.26
N THR A 172 -5.96 6.05 -16.05
CA THR A 172 -6.84 7.09 -15.52
C THR A 172 -6.39 8.45 -16.05
N SER A 173 -7.17 9.48 -15.75
CA SER A 173 -6.75 10.83 -16.09
CA SER A 173 -6.75 10.83 -16.10
C SER A 173 -6.41 11.66 -14.86
N TYR A 174 -6.12 11.01 -13.71
CA TYR A 174 -5.84 11.74 -12.47
C TYR A 174 -4.34 11.81 -12.22
N PRO A 175 -3.75 12.99 -12.03
CA PRO A 175 -2.28 13.06 -11.88
C PRO A 175 -1.80 12.43 -10.58
N LYS A 176 -0.87 11.47 -10.68
CA LYS A 176 -0.48 10.72 -9.47
C LYS A 176 0.14 11.64 -8.42
N ARG A 177 0.89 12.66 -8.84
CA ARG A 177 1.52 13.58 -7.91
C ARG A 177 0.50 14.41 -7.15
N SER A 178 -0.75 14.46 -7.59
CA SER A 178 -1.83 15.14 -6.88
C SER A 178 -2.65 14.21 -6.01
N ALA A 179 -2.30 12.93 -5.95
CA ALA A 179 -2.97 11.98 -5.06
C ALA A 179 -2.20 11.91 -3.76
N GLY A 180 -2.88 12.05 -2.63
CA GLY A 180 -2.15 11.82 -1.39
C GLY A 180 -1.69 10.39 -1.21
N GLU A 181 -2.53 9.48 -1.68
CA GLU A 181 -2.37 8.03 -1.57
C GLU A 181 -3.55 7.44 -2.33
N ALA A 182 -3.58 6.12 -2.41
CA ALA A 182 -4.67 5.44 -3.11
C ALA A 182 -4.76 3.99 -2.63
N PHE A 183 -5.95 3.44 -2.78
CA PHE A 183 -6.20 2.07 -2.39
C PHE A 183 -7.31 1.51 -3.28
N ILE A 184 -7.38 0.19 -3.41
CA ILE A 184 -8.36 -0.49 -4.23
C ILE A 184 -9.26 -1.36 -3.36
N ILE A 185 -10.56 -1.21 -3.54
CA ILE A 185 -11.56 -2.08 -2.92
C ILE A 185 -12.45 -2.59 -4.03
N CYS A 186 -12.59 -3.91 -4.13
CA CYS A 186 -13.53 -4.48 -5.10
C CYS A 186 -13.35 -3.92 -6.50
N GLY A 187 -12.09 -3.78 -6.92
CA GLY A 187 -11.76 -3.36 -8.26
C GLY A 187 -11.90 -1.87 -8.53
N THR A 188 -12.22 -1.08 -7.52
CA THR A 188 -12.29 0.37 -7.67
C THR A 188 -11.09 1.00 -6.98
N LEU A 189 -10.42 1.90 -7.70
CA LEU A 189 -9.37 2.71 -7.16
C LEU A 189 -9.95 3.95 -6.51
N TYR A 190 -9.62 4.14 -5.25
CA TYR A 190 -9.99 5.30 -4.48
C TYR A 190 -8.74 6.13 -4.24
N VAL A 191 -8.84 7.42 -4.48
CA VAL A 191 -7.70 8.33 -4.46
C VAL A 191 -7.97 9.44 -3.45
N THR A 192 -6.98 9.73 -2.59
CA THR A 192 -7.15 10.77 -1.57
C THR A 192 -6.67 12.14 -2.09
N ASN A 193 -7.17 13.18 -1.42
CA ASN A 193 -6.94 14.56 -1.84
C ASN A 193 -5.60 15.13 -1.40
N GLY A 194 -4.86 14.45 -0.52
CA GLY A 194 -3.64 14.99 0.04
C GLY A 194 -3.23 14.16 1.22
N TYR A 195 -2.13 14.56 1.83
CA TYR A 195 -1.49 13.77 2.87
C TYR A 195 -1.47 14.48 4.21
N SER A 196 -1.94 15.71 4.26
CA SER A 196 -1.90 16.54 5.44
CA SER A 196 -1.90 16.53 5.45
C SER A 196 -3.22 17.29 5.53
N GLY A 197 -3.46 17.92 6.66
CA GLY A 197 -4.69 18.65 6.82
C GLY A 197 -5.89 17.73 6.80
N GLY A 198 -6.98 18.22 6.25
CA GLY A 198 -8.23 17.49 6.22
C GLY A 198 -8.32 16.54 5.04
N THR A 199 -8.05 15.29 5.31
CA THR A 199 -7.98 14.27 4.27
C THR A 199 -9.37 13.73 3.88
N LYS A 200 -9.50 13.40 2.61
CA LYS A 200 -10.72 12.80 2.10
CA LYS A 200 -10.72 12.80 2.10
C LYS A 200 -10.36 11.93 0.91
N VAL A 201 -11.16 10.88 0.71
CA VAL A 201 -11.19 10.20 -0.57
C VAL A 201 -12.03 11.10 -1.49
N HIS A 202 -11.48 11.49 -2.63
CA HIS A 202 -12.19 12.42 -3.49
C HIS A 202 -12.28 12.02 -4.96
N TYR A 203 -11.75 10.85 -5.32
CA TYR A 203 -11.81 10.39 -6.71
C TYR A 203 -11.86 8.88 -6.71
N ALA A 204 -12.70 8.34 -7.59
CA ALA A 204 -12.84 6.89 -7.73
C ALA A 204 -12.81 6.53 -9.21
N TYR A 205 -12.02 5.49 -9.53
CA TYR A 205 -11.94 4.95 -10.88
C TYR A 205 -12.38 3.49 -10.82
N GLN A 206 -13.42 3.15 -11.57
N GLN A 206 -13.44 3.18 -11.57
CA GLN A 206 -13.97 1.80 -11.54
CA GLN A 206 -13.98 1.83 -11.69
C GLN A 206 -13.37 1.00 -12.69
C GLN A 206 -13.20 1.08 -12.76
N THR A 207 -12.55 -0.01 -12.37
CA THR A 207 -11.93 -0.84 -13.40
C THR A 207 -12.95 -1.70 -14.15
N ASN A 208 -14.10 -1.95 -13.56
CA ASN A 208 -15.06 -2.79 -14.25
C ASN A 208 -15.72 -2.09 -15.42
N ALA A 209 -15.71 -0.76 -15.44
CA ALA A 209 -16.37 0.01 -16.47
C ALA A 209 -15.47 1.05 -17.11
N SER A 210 -14.24 1.21 -16.60
CA SER A 210 -13.32 2.25 -17.07
C SER A 210 -13.95 3.64 -17.00
N THR A 211 -14.59 3.92 -15.86
CA THR A 211 -15.23 5.19 -15.60
C THR A 211 -14.67 5.78 -14.32
N TYR A 212 -14.87 7.09 -14.15
CA TYR A 212 -14.42 7.75 -12.94
C TYR A 212 -15.42 8.80 -12.48
N GLU A 213 -15.25 9.24 -11.25
CA GLU A 213 -16.05 10.32 -10.69
C GLU A 213 -15.28 10.94 -9.54
N TYR A 214 -15.55 12.22 -9.27
CA TYR A 214 -15.17 12.86 -8.03
C TYR A 214 -16.24 12.63 -6.97
N ILE A 215 -15.77 12.36 -5.75
CA ILE A 215 -16.61 11.99 -4.63
C ILE A 215 -16.07 12.73 -3.40
N ASP A 216 -16.67 12.47 -2.24
CA ASP A 216 -16.24 13.17 -1.02
C ASP A 216 -16.52 12.28 0.17
N ILE A 217 -15.51 11.51 0.59
N ILE A 217 -15.52 11.50 0.56
CA ILE A 217 -15.61 10.61 1.73
CA ILE A 217 -15.59 10.61 1.72
C ILE A 217 -14.50 10.96 2.71
C ILE A 217 -14.48 11.01 2.67
N PRO A 218 -14.78 11.79 3.71
CA PRO A 218 -13.72 12.20 4.63
C PRO A 218 -13.19 11.04 5.46
N PHE A 219 -11.94 11.16 5.88
CA PHE A 219 -11.39 10.25 6.88
C PHE A 219 -10.45 11.04 7.76
N GLN A 220 -10.40 10.67 9.04
CA GLN A 220 -9.65 11.48 9.97
C GLN A 220 -8.15 11.28 9.80
N ASN A 221 -7.43 12.37 9.51
N ASN A 221 -7.43 12.40 9.66
CA ASN A 221 -5.98 12.40 9.62
CA ASN A 221 -5.97 12.41 9.63
C ASN A 221 -5.71 12.57 11.09
C ASN A 221 -5.48 12.59 11.06
N LYS A 222 -5.40 11.46 11.77
CA LYS A 222 -5.31 11.49 13.21
C LYS A 222 -4.07 12.19 13.73
N TYR A 223 -2.94 12.01 13.06
CA TYR A 223 -1.64 12.49 13.55
C TYR A 223 -0.87 13.37 12.58
N SER A 224 -1.57 13.89 11.56
CA SER A 224 -1.15 15.05 10.76
CA SER A 224 -1.17 15.05 10.75
C SER A 224 -0.52 14.75 9.40
N HIS A 225 0.06 13.59 9.22
CA HIS A 225 0.73 13.25 7.96
C HIS A 225 0.50 11.78 7.66
N ILE A 226 0.05 11.45 6.46
N ILE A 226 -0.01 11.47 6.46
CA ILE A 226 -0.19 10.06 6.08
CA ILE A 226 -0.24 10.10 6.00
C ILE A 226 0.76 9.72 4.95
C ILE A 226 0.84 9.78 4.96
N SER A 227 1.57 8.69 5.17
CA SER A 227 2.57 8.24 4.20
C SER A 227 2.30 6.85 3.66
N MET A 228 1.26 6.17 4.11
CA MET A 228 0.88 4.85 3.62
C MET A 228 -0.59 4.62 3.95
N LEU A 229 -1.32 4.05 2.99
CA LEU A 229 -2.74 3.80 3.16
C LEU A 229 -3.11 2.72 2.17
N ASP A 230 -3.45 1.53 2.68
CA ASP A 230 -3.86 0.43 1.81
C ASP A 230 -5.03 -0.31 2.46
N TYR A 231 -5.85 -0.89 1.61
CA TYR A 231 -6.96 -1.74 2.02
C TYR A 231 -6.54 -3.18 2.08
N ASN A 232 -7.04 -3.88 3.09
CA ASN A 232 -6.86 -5.32 3.25
C ASN A 232 -8.21 -6.01 3.17
N PRO A 233 -8.42 -6.90 2.21
CA PRO A 233 -9.75 -7.49 2.03
C PRO A 233 -10.13 -8.52 3.08
N LYS A 234 -9.16 -9.03 3.86
CA LYS A 234 -9.49 -10.01 4.89
C LYS A 234 -10.20 -9.34 6.03
N ASP A 235 -9.69 -8.23 6.53
N ASP A 235 -9.66 -8.21 6.48
CA ASP A 235 -10.39 -7.56 7.62
CA ASP A 235 -10.17 -7.41 7.59
C ASP A 235 -11.13 -6.31 7.15
C ASP A 235 -11.20 -6.39 7.13
N ARG A 236 -11.18 -6.05 5.84
CA ARG A 236 -11.98 -4.95 5.30
C ARG A 236 -11.66 -3.64 6.01
N ALA A 237 -10.36 -3.38 6.12
CA ALA A 237 -9.88 -2.21 6.84
C ALA A 237 -8.78 -1.54 6.03
N LEU A 238 -8.62 -0.26 6.29
CA LEU A 238 -7.48 0.52 5.79
C LEU A 238 -6.38 0.52 6.84
N TYR A 239 -5.19 0.10 6.45
CA TYR A 239 -3.98 0.20 7.24
C TYR A 239 -3.27 1.48 6.82
N ALA A 240 -2.84 2.26 7.81
CA ALA A 240 -2.16 3.51 7.53
C ALA A 240 -0.91 3.67 8.39
N TRP A 241 0.05 4.40 7.82
CA TRP A 241 1.17 4.92 8.60
C TRP A 241 0.94 6.42 8.68
N ASN A 242 0.70 6.91 9.90
CA ASN A 242 0.27 8.29 10.13
C ASN A 242 1.28 8.93 11.09
N ASN A 243 2.39 9.39 10.52
CA ASN A 243 3.34 10.22 11.26
CA ASN A 243 3.34 10.21 11.26
C ASN A 243 3.90 9.52 12.49
N GLY A 244 4.39 8.30 12.30
CA GLY A 244 4.96 7.55 13.40
C GLY A 244 3.95 6.81 14.24
N HIS A 245 2.74 6.61 13.72
CA HIS A 245 1.72 5.82 14.36
C HIS A 245 1.15 4.89 13.30
N GLN A 246 0.83 3.69 13.71
CA GLN A 246 0.25 2.68 12.85
C GLN A 246 -1.22 2.59 13.24
N THR A 247 -2.09 2.94 12.29
CA THR A 247 -3.50 3.10 12.54
C THR A 247 -4.32 2.23 11.59
N LEU A 248 -5.55 1.95 12.02
N LEU A 248 -5.59 2.07 11.93
CA LEU A 248 -6.52 1.14 11.28
CA LEU A 248 -6.46 1.14 11.23
C LEU A 248 -7.83 1.90 11.16
C LEU A 248 -7.87 1.71 11.20
N TYR A 249 -8.46 1.78 9.99
CA TYR A 249 -9.79 2.31 9.76
C TYR A 249 -10.73 1.20 9.25
N ASN A 250 -11.89 1.03 9.89
CA ASN A 250 -12.93 0.23 9.27
C ASN A 250 -13.57 1.03 8.14
N VAL A 251 -14.15 0.32 7.16
CA VAL A 251 -14.84 0.97 6.05
C VAL A 251 -16.24 0.43 5.97
N THR A 252 -17.11 1.22 5.35
CA THR A 252 -18.48 0.80 5.07
C THR A 252 -18.64 0.75 3.57
N LEU A 253 -19.12 -0.38 3.07
CA LEU A 253 -19.42 -0.56 1.65
C LEU A 253 -20.94 -0.67 1.49
N PHE A 254 -21.41 -0.29 0.32
CA PHE A 254 -22.81 -0.51 0.00
C PHE A 254 -22.98 -1.95 -0.41
C1 NAG B . 10.44 -12.88 21.55
C2 NAG B . 10.22 -13.70 22.81
C3 NAG B . 11.11 -14.94 22.79
C4 NAG B . 10.91 -15.72 21.49
C5 NAG B . 11.04 -14.81 20.28
C6 NAG B . 10.72 -15.52 18.98
C7 NAG B . 9.63 -12.77 25.01
C8 NAG B . 10.05 -11.86 26.13
N2 NAG B . 10.49 -12.88 23.99
O3 NAG B . 10.80 -15.76 23.91
O4 NAG B . 11.92 -16.71 21.36
O5 NAG B . 10.14 -13.69 20.40
O6 NAG B . 9.35 -15.87 18.87
O7 NAG B . 8.57 -13.37 25.03
H1 NAG B . 11.36 -12.59 21.51
H2 NAG B . 9.29 -13.99 22.84
H3 NAG B . 12.04 -14.66 22.85
H4 NAG B . 10.03 -16.14 21.50
H5 NAG B . 11.95 -14.47 20.24
H61 NAG B . 11.26 -16.33 18.92
H62 NAG B . 10.96 -14.93 18.23
H81 NAG B . 10.19 -10.96 25.78
H82 NAG B . 9.35 -11.85 26.81
H83 NAG B . 10.88 -12.18 26.52
HN2 NAG B . 11.26 -12.40 24.01
HO3 NAG B . 11.54 -16.14 24.22
HO4 NAG B . 11.68 -17.30 20.74
HO6 NAG B . 9.11 -15.84 18.02
C1 NAG C . -1.04 -19.55 -2.02
C2 NAG C . -1.95 -19.83 -3.21
C3 NAG C . -2.28 -21.31 -3.28
C4 NAG C . -1.04 -22.17 -3.20
C5 NAG C . -0.22 -21.78 -2.00
C6 NAG C . 1.09 -22.54 -1.97
C7 NAG C . -3.54 -18.18 -4.09
C8 NAG C . -4.87 -17.52 -3.91
N2 NAG C . -3.19 -19.06 -3.16
O3 NAG C . -3.00 -21.58 -4.47
O4 NAG C . -1.43 -23.54 -3.11
O5 NAG C . 0.11 -20.39 -2.08
O6 NAG C . 1.85 -22.18 -0.84
O7 NAG C . -2.80 -17.89 -5.03
H1 NAG C . -1.54 -19.73 -1.19
H2 NAG C . -1.47 -19.58 -4.02
H3 NAG C . -2.86 -21.53 -2.52
H4 NAG C . -0.51 -22.05 -4.01
H5 NAG C . -0.72 -21.97 -1.18
H61 NAG C . 1.60 -22.33 -2.78
H62 NAG C . 0.90 -23.50 -1.94
H81 NAG C . -4.88 -17.03 -3.05
H82 NAG C . -5.04 -16.90 -4.64
H83 NAG C . -5.57 -18.20 -3.89
HN2 NAG C . -3.78 -19.25 -2.48
HO3 NAG C . -3.22 -22.44 -4.49
HO4 NAG C . -0.79 -24.06 -3.43
HO6 NAG C . 2.41 -22.84 -0.64
C1 NAG D . -2.69 3.35 -21.84
C2 NAG D . -3.17 2.43 -22.95
C3 NAG D . -2.02 2.08 -23.89
C4 NAG D . -1.33 3.33 -24.41
C5 NAG D . -0.93 4.22 -23.24
C6 NAG D . -0.37 5.55 -23.70
C7 NAG D . -5.08 1.07 -22.28
C8 NAG D . -5.54 -0.25 -21.76
N2 NAG D . -3.76 1.22 -22.43
O3 NAG D . -2.57 1.33 -24.97
O4 NAG D . -0.15 2.94 -25.09
O5 NAG D . -2.07 4.52 -22.43
O6 NAG D . -1.31 6.33 -24.42
O7 NAG D . -5.85 1.97 -22.57
H1 NAG D . -2.03 2.88 -21.30
H2 NAG D . -3.85 2.90 -23.47
H3 NAG D . -1.38 1.53 -23.41
H4 NAG D . -1.93 3.80 -25.01
H5 NAG D . -0.27 3.76 -22.70
H61 NAG D . 0.41 5.39 -24.25
H62 NAG D . -0.09 6.06 -22.90
H81 NAG D . -5.16 -0.40 -20.87
H82 NAG D . -6.52 -0.25 -21.70
H83 NAG D . -5.25 -0.97 -22.36
HN2 NAG D . -3.22 0.51 -22.22
HO3 NAG D . -1.96 0.76 -25.28
HO4 NAG D . 0.07 3.55 -25.69
HO6 NAG D . -1.44 7.11 -24.01
C1 NAG E . -14.02 -2.73 13.09
C2 NAG E . -13.17 -2.43 14.31
C3 NAG E . -13.06 -3.69 15.17
C4 NAG E . -14.46 -4.18 15.55
C5 NAG E . -15.34 -4.36 14.31
C6 NAG E . -16.78 -4.62 14.67
C7 NAG E . -11.55 -0.65 13.86
C8 NAG E . -10.16 -0.32 13.38
N2 NAG E . -11.85 -1.96 13.92
O3 NAG E . -12.34 -3.39 16.35
O4 NAG E . -14.36 -5.43 16.24
O5 NAG E . -15.32 -3.17 13.49
O6 NAG E . -17.60 -4.72 13.51
O7 NAG E . -12.35 0.21 14.17
H1 NAG E . -13.60 -3.43 12.56
H2 NAG E . -13.62 -1.74 14.83
H3 NAG E . -12.61 -4.39 14.67
H4 NAG E . -14.88 -3.53 16.14
H5 NAG E . -14.99 -5.11 13.79
H61 NAG E . -17.11 -3.89 15.22
H62 NAG E . -16.84 -5.45 15.17
H81 NAG E . -10.04 0.65 13.38
H82 NAG E . -10.03 -0.66 12.48
H83 NAG E . -9.50 -0.73 13.98
HN2 NAG E . -11.23 -2.57 13.66
HO3 NAG E . -12.62 -3.90 17.02
HO4 NAG E . -15.18 -5.70 16.47
HO6 NAG E . -18.42 -4.98 13.75
CA CA F . -1.92 2.66 -1.03
NA NA G . 0.92 -0.83 -1.17
C1 GOL H . 12.48 -13.08 -16.59
O1 GOL H . 13.68 -13.75 -16.74
C2 GOL H . 12.81 -11.97 -15.61
O2 GOL H . 13.13 -12.46 -14.35
C3 GOL H . 11.56 -11.12 -15.60
O3 GOL H . 10.55 -11.94 -15.16
H11 GOL H . 12.15 -12.71 -17.43
H12 GOL H . 11.78 -13.65 -16.25
HO1 GOL H . 13.52 -14.41 -17.26
H2 GOL H . 13.58 -11.46 -15.91
HO2 GOL H . 13.20 -11.80 -13.82
H31 GOL H . 11.41 -10.74 -16.48
H32 GOL H . 11.69 -10.36 -15.01
HO3 GOL H . 10.16 -11.54 -14.52
C1 GOL I . -6.68 -3.86 17.29
O1 GOL I . -6.11 -4.35 16.13
C2 GOL I . -7.76 -2.85 16.86
O2 GOL I . -8.65 -3.37 15.93
C3 GOL I . -8.49 -2.45 18.18
O3 GOL I . -7.53 -1.94 19.08
H11 GOL I . -7.09 -4.55 17.83
H12 GOL I . -6.03 -3.43 17.86
HO1 GOL I . -5.30 -4.54 16.32
H2 GOL I . -7.36 -2.07 16.44
HO2 GOL I . -8.43 -4.18 15.80
H31 GOL I . -8.97 -3.22 18.52
H32 GOL I . -9.17 -1.79 17.98
HO3 GOL I . -7.92 -1.37 19.57
#